data_7PE0
#
_entry.id   7PE0
#
_cell.length_a   57.642
_cell.length_b   57.642
_cell.length_c   159.612
_cell.angle_alpha   90.000
_cell.angle_beta   90.000
_cell.angle_gamma   120.000
#
_symmetry.space_group_name_H-M   'P 32 2 1'
#
loop_
_entity.id
_entity.type
_entity.pdbx_description
1 polymer 'Chaperone protein IpgC'
2 non-polymer 'CHLORIDE ION'
3 non-polymer 2-(1H-imidazol-1-yl)-N-(trans-4-methylcyclohexyl)acetamide
4 non-polymer 'MAGNESIUM ION'
5 water water
#
_entity_poly.entity_id   1
_entity_poly.type   'polypeptide(L)'
_entity_poly.pdbx_seq_one_letter_code
;GSISTAVIDAINSGATLKDINAIPDDMMDDIYSYAYDFYNKGRIEEAEVFFRFLCIYDFYNVDYIMGLAAIYQIKEQFQQ
AADLYAVAFALGKNDYTPVFHTGQCQLRLKAPLKAKECFELVIQHSNDEKLKIKAQSYLDAIQ
;
_entity_poly.pdbx_strand_id   A,B
#
loop_
_chem_comp.id
_chem_comp.type
_chem_comp.name
_chem_comp.formula
483 non-polymer 2-(1H-imidazol-1-yl)-N-(trans-4-methylcyclohexyl)acetamide 'C12 H19 N3 O'
CL non-polymer 'CHLORIDE ION' 'Cl -1'
MG non-polymer 'MAGNESIUM ION' 'Mg 2'
#
# COMPACT_ATOMS: atom_id res chain seq x y z
N THR A 16 2.67 15.68 10.88
CA THR A 16 1.19 15.52 10.95
C THR A 16 0.67 16.08 12.27
N LEU A 17 -0.65 16.12 12.41
CA LEU A 17 -1.28 16.50 13.67
C LEU A 17 -1.05 15.48 14.77
N LYS A 18 -1.00 14.20 14.39
CA LYS A 18 -0.66 13.10 15.31
C LYS A 18 0.77 13.19 15.83
N ASP A 19 1.70 13.62 14.97
CA ASP A 19 3.11 13.81 15.32
C ASP A 19 3.32 14.76 16.50
N ILE A 20 2.46 15.78 16.60
CA ILE A 20 2.52 16.77 17.68
C ILE A 20 1.49 16.55 18.80
N ASN A 21 0.83 15.37 18.77
CA ASN A 21 -0.23 14.98 19.73
C ASN A 21 -1.25 16.09 19.93
N ALA A 22 -1.85 16.54 18.82
CA ALA A 22 -2.76 17.69 18.80
C ALA A 22 -4.10 17.41 19.48
N ILE A 23 -4.52 16.14 19.48
CA ILE A 23 -5.73 15.69 20.17
C ILE A 23 -5.31 14.47 21.00
N PRO A 24 -5.71 14.37 22.29
CA PRO A 24 -5.34 13.22 23.12
C PRO A 24 -5.80 11.89 22.54
N ASP A 25 -5.03 10.84 22.84
CA ASP A 25 -5.26 9.49 22.32
C ASP A 25 -6.69 8.97 22.59
N ASP A 26 -7.19 9.20 23.80
CA ASP A 26 -8.52 8.74 24.20
C ASP A 26 -9.65 9.40 23.41
N MET A 27 -9.46 10.67 23.05
CA MET A 27 -10.40 11.43 22.23
C MET A 27 -10.38 10.90 20.79
N MET A 28 -9.19 10.60 20.29
CA MET A 28 -9.03 9.98 18.97
C MET A 28 -9.71 8.62 18.89
N ASP A 29 -9.59 7.82 19.95
CA ASP A 29 -10.31 6.55 20.07
C ASP A 29 -11.82 6.76 20.01
N ASP A 30 -12.30 7.78 20.72
CA ASP A 30 -13.72 8.11 20.74
C ASP A 30 -14.22 8.47 19.36
N ILE A 31 -13.52 9.39 18.68
CA ILE A 31 -13.87 9.81 17.31
C ILE A 31 -13.93 8.62 16.35
N TYR A 32 -12.93 7.71 16.44
CA TYR A 32 -12.92 6.48 15.64
C TYR A 32 -14.18 5.63 15.90
N SER A 33 -14.54 5.47 17.17
N SER A 33 -14.54 5.47 17.17
CA SER A 33 -15.75 4.71 17.55
CA SER A 33 -15.75 4.71 17.55
C SER A 33 -17.01 5.38 17.01
C SER A 33 -17.01 5.38 17.01
N TYR A 34 -17.05 6.70 17.09
CA TYR A 34 -18.18 7.50 16.58
C TYR A 34 -18.28 7.39 15.07
N ALA A 35 -17.13 7.39 14.39
CA ALA A 35 -17.08 7.16 12.95
C ALA A 35 -17.74 5.84 12.56
N TYR A 36 -17.39 4.76 13.28
CA TYR A 36 -18.02 3.47 13.01
C TYR A 36 -19.47 3.37 13.44
N ASP A 37 -19.85 4.13 14.48
CA ASP A 37 -21.26 4.21 14.90
C ASP A 37 -22.10 4.77 13.78
N PHE A 38 -21.62 5.85 13.15
CA PHE A 38 -22.29 6.45 12.00
C PHE A 38 -22.36 5.44 10.85
N TYR A 39 -21.22 4.80 10.58
CA TYR A 39 -21.10 3.82 9.49
C TYR A 39 -22.12 2.69 9.67
N ASN A 40 -22.14 2.11 10.88
CA ASN A 40 -23.02 0.99 11.22
C ASN A 40 -24.51 1.31 11.12
N LYS A 41 -24.86 2.58 11.36
N LYS A 41 -24.86 2.58 11.36
CA LYS A 41 -26.25 3.04 11.28
CA LYS A 41 -26.25 3.04 11.28
C LYS A 41 -26.62 3.59 9.90
C LYS A 41 -26.61 3.59 9.91
N GLY A 42 -25.72 3.44 8.92
CA GLY A 42 -25.96 3.88 7.54
C GLY A 42 -25.93 5.38 7.33
N ARG A 43 -25.35 6.10 8.30
CA ARG A 43 -25.12 7.54 8.22
C ARG A 43 -23.78 7.74 7.53
N ILE A 44 -23.77 7.50 6.22
CA ILE A 44 -22.55 7.40 5.44
C ILE A 44 -21.86 8.74 5.28
N GLU A 45 -22.65 9.80 5.05
N GLU A 45 -22.65 9.80 5.05
CA GLU A 45 -22.08 11.14 4.84
CA GLU A 45 -22.09 11.14 4.85
C GLU A 45 -21.33 11.62 6.08
C GLU A 45 -21.33 11.62 6.08
N GLU A 46 -21.90 11.36 7.26
CA GLU A 46 -21.29 11.72 8.55
C GLU A 46 -20.10 10.83 8.83
N ALA A 47 -20.21 9.54 8.51
CA ALA A 47 -19.07 8.62 8.67
C ALA A 47 -17.93 9.07 7.77
N GLU A 48 -18.26 9.52 6.57
CA GLU A 48 -17.25 9.98 5.61
C GLU A 48 -16.51 11.19 6.17
N VAL A 49 -17.25 12.16 6.74
CA VAL A 49 -16.62 13.34 7.33
C VAL A 49 -15.66 12.88 8.43
N PHE A 50 -16.14 11.98 9.29
CA PHE A 50 -15.35 11.53 10.43
C PHE A 50 -14.11 10.75 10.03
N PHE A 51 -14.22 9.88 9.03
CA PHE A 51 -13.06 9.13 8.56
C PHE A 51 -12.10 10.04 7.83
N ARG A 52 -12.62 11.05 7.11
CA ARG A 52 -11.71 12.03 6.46
C ARG A 52 -10.94 12.82 7.52
N PHE A 53 -11.64 13.21 8.59
CA PHE A 53 -11.03 13.89 9.74
C PHE A 53 -9.88 13.05 10.31
N LEU A 54 -10.17 11.79 10.59
CA LEU A 54 -9.21 10.85 11.17
C LEU A 54 -7.99 10.68 10.26
N CYS A 55 -8.21 10.58 8.95
CA CYS A 55 -7.12 10.41 7.98
C CYS A 55 -6.29 11.69 7.76
N ILE A 56 -6.91 12.86 7.98
CA ILE A 56 -6.16 14.13 8.00
C ILE A 56 -5.24 14.16 9.23
N TYR A 57 -5.79 13.76 10.38
CA TYR A 57 -5.07 13.76 11.64
C TYR A 57 -3.89 12.78 11.63
N ASP A 58 -4.14 11.56 11.15
CA ASP A 58 -3.09 10.60 10.99
C ASP A 58 -3.23 9.80 9.71
N PHE A 59 -2.57 10.31 8.66
CA PHE A 59 -2.50 9.65 7.37
C PHE A 59 -1.89 8.24 7.42
N TYR A 60 -1.01 7.99 8.40
CA TYR A 60 -0.34 6.70 8.50
C TYR A 60 -1.09 5.62 9.27
N ASN A 61 -2.29 5.92 9.79
CA ASN A 61 -2.99 4.97 10.64
C ASN A 61 -3.80 4.03 9.77
N VAL A 62 -3.42 2.75 9.78
N VAL A 62 -3.42 2.75 9.78
CA VAL A 62 -4.03 1.74 8.91
CA VAL A 62 -4.04 1.74 8.91
C VAL A 62 -5.54 1.60 9.11
C VAL A 62 -5.54 1.61 9.10
N ASP A 63 -6.02 1.65 10.34
CA ASP A 63 -7.45 1.50 10.62
C ASP A 63 -8.25 2.71 10.18
N TYR A 64 -7.67 3.90 10.26
CA TYR A 64 -8.32 5.12 9.76
C TYR A 64 -8.44 5.05 8.24
N ILE A 65 -7.35 4.64 7.58
N ILE A 65 -7.35 4.65 7.58
CA ILE A 65 -7.33 4.47 6.14
CA ILE A 65 -7.34 4.49 6.13
C ILE A 65 -8.37 3.42 5.71
C ILE A 65 -8.38 3.43 5.70
N MET A 66 -8.40 2.29 6.41
CA MET A 66 -9.36 1.21 6.13
C MET A 66 -10.82 1.66 6.28
N GLY A 67 -11.08 2.52 7.26
CA GLY A 67 -12.42 3.07 7.46
C GLY A 67 -12.83 3.95 6.32
N LEU A 68 -11.95 4.82 5.85
CA LEU A 68 -12.26 5.69 4.71
C LEU A 68 -12.43 4.90 3.41
N ALA A 69 -11.60 3.88 3.23
CA ALA A 69 -11.68 3.02 2.05
C ALA A 69 -13.05 2.29 2.03
N ALA A 70 -13.50 1.85 3.19
CA ALA A 70 -14.81 1.19 3.36
C ALA A 70 -15.93 2.12 2.93
N ILE A 71 -15.83 3.40 3.30
CA ILE A 71 -16.79 4.42 2.86
C ILE A 71 -16.82 4.56 1.34
N TYR A 72 -15.65 4.68 0.72
CA TYR A 72 -15.58 4.83 -0.73
C TYR A 72 -16.16 3.61 -1.44
N GLN A 73 -15.86 2.42 -0.91
CA GLN A 73 -16.40 1.18 -1.46
C GLN A 73 -17.94 1.13 -1.39
N ILE A 74 -18.52 1.51 -0.24
CA ILE A 74 -19.98 1.56 -0.05
C ILE A 74 -20.61 2.54 -1.03
N LYS A 75 -19.92 3.67 -1.26
CA LYS A 75 -20.40 4.73 -2.16
C LYS A 75 -20.15 4.40 -3.64
N GLU A 76 -19.60 3.21 -3.88
CA GLU A 76 -19.32 2.68 -5.23
C GLU A 76 -18.24 3.45 -5.97
N GLN A 77 -17.34 4.04 -5.20
CA GLN A 77 -16.15 4.70 -5.73
C GLN A 77 -15.03 3.67 -5.59
N PHE A 78 -15.11 2.66 -6.46
CA PHE A 78 -14.30 1.45 -6.33
C PHE A 78 -12.81 1.65 -6.54
N GLN A 79 -12.45 2.48 -7.52
CA GLN A 79 -11.03 2.76 -7.76
C GLN A 79 -10.45 3.57 -6.59
N GLN A 80 -11.18 4.56 -6.11
CA GLN A 80 -10.75 5.34 -4.93
C GLN A 80 -10.52 4.46 -3.70
N ALA A 81 -11.46 3.54 -3.47
CA ALA A 81 -11.33 2.51 -2.43
C ALA A 81 -10.10 1.62 -2.65
N ALA A 82 -9.96 1.06 -3.85
CA ALA A 82 -8.80 0.20 -4.18
C ALA A 82 -7.46 0.89 -3.93
N ASP A 83 -7.38 2.17 -4.26
CA ASP A 83 -6.15 2.96 -4.06
C ASP A 83 -5.79 3.04 -2.57
N LEU A 84 -6.77 3.40 -1.74
CA LEU A 84 -6.56 3.45 -0.30
C LEU A 84 -6.24 2.09 0.30
N TYR A 85 -6.96 1.03 -0.12
CA TYR A 85 -6.62 -0.33 0.30
C TYR A 85 -5.17 -0.71 0.06
N ALA A 86 -4.61 -0.28 -1.07
CA ALA A 86 -3.21 -0.55 -1.40
C ALA A 86 -2.28 0.15 -0.40
N VAL A 87 -2.60 1.40 -0.06
CA VAL A 87 -1.86 2.13 0.99
C VAL A 87 -2.01 1.41 2.34
N ALA A 88 -3.24 1.03 2.68
CA ALA A 88 -3.50 0.35 3.94
C ALA A 88 -2.73 -0.95 4.08
N PHE A 89 -2.67 -1.73 2.99
CA PHE A 89 -1.89 -2.96 2.99
C PHE A 89 -0.41 -2.66 3.25
N ALA A 90 0.12 -1.67 2.51
CA ALA A 90 1.54 -1.34 2.54
C ALA A 90 2.01 -0.95 3.94
N LEU A 91 1.17 -0.20 4.66
CA LEU A 91 1.54 0.27 5.98
C LEU A 91 1.35 -0.78 7.07
N GLY A 92 0.36 -1.67 6.87
CA GLY A 92 0.10 -2.80 7.75
C GLY A 92 1.17 -3.88 7.71
N LYS A 93 1.49 -4.36 6.50
N LYS A 93 1.48 -4.35 6.50
CA LYS A 93 2.44 -5.48 6.26
CA LYS A 93 2.51 -5.32 6.16
C LYS A 93 2.11 -6.82 6.97
C LYS A 93 1.90 -6.70 6.02
N ASN A 94 0.88 -6.92 7.45
N ASN A 94 1.19 -7.15 7.05
CA ASN A 94 0.46 -7.98 8.37
CA ASN A 94 0.75 -8.55 7.07
C ASN A 94 -1.00 -8.38 8.21
C ASN A 94 -0.73 -8.75 7.34
N ASP A 95 -1.66 -7.81 7.20
N ASP A 95 -1.55 -7.76 7.02
CA ASP A 95 -3.11 -7.93 7.08
CA ASP A 95 -3.02 -7.93 7.05
C ASP A 95 -3.53 -7.93 5.62
C ASP A 95 -3.54 -7.93 5.61
N TYR A 96 -4.12 -9.05 5.19
CA TYR A 96 -4.59 -9.22 3.82
C TYR A 96 -6.04 -8.82 3.59
N THR A 97 -6.68 -8.32 4.64
CA THR A 97 -8.04 -7.79 4.54
C THR A 97 -8.16 -6.70 3.47
N PRO A 98 -7.22 -5.72 3.41
CA PRO A 98 -7.28 -4.76 2.31
C PRO A 98 -7.11 -5.37 0.92
N VAL A 99 -6.34 -6.45 0.81
CA VAL A 99 -6.17 -7.15 -0.49
C VAL A 99 -7.50 -7.83 -0.88
N PHE A 100 -8.15 -8.46 0.10
CA PHE A 100 -9.48 -9.04 -0.13
C PHE A 100 -10.48 -8.00 -0.64
N HIS A 101 -10.57 -6.85 0.04
CA HIS A 101 -11.49 -5.80 -0.40
C HIS A 101 -11.13 -5.20 -1.76
N THR A 102 -9.82 -5.13 -2.07
CA THR A 102 -9.37 -4.72 -3.41
C THR A 102 -9.94 -5.66 -4.47
N GLY A 103 -9.88 -6.96 -4.20
CA GLY A 103 -10.53 -7.97 -5.05
C GLY A 103 -11.99 -7.70 -5.35
N GLN A 104 -12.76 -7.39 -4.31
CA GLN A 104 -14.17 -7.00 -4.49
C GLN A 104 -14.32 -5.77 -5.38
N CYS A 105 -13.51 -4.73 -5.14
CA CYS A 105 -13.47 -3.52 -5.96
C CYS A 105 -13.18 -3.83 -7.43
N GLN A 106 -12.19 -4.70 -7.66
CA GLN A 106 -11.78 -5.05 -9.02
C GLN A 106 -12.87 -5.77 -9.79
N LEU A 107 -13.62 -6.66 -9.12
CA LEU A 107 -14.77 -7.33 -9.72
C LEU A 107 -15.83 -6.32 -10.18
N ARG A 108 -16.09 -5.31 -9.35
CA ARG A 108 -17.05 -4.25 -9.68
C ARG A 108 -16.57 -3.31 -10.80
N LEU A 109 -15.25 -3.19 -10.91
CA LEU A 109 -14.58 -2.41 -11.95
C LEU A 109 -14.41 -3.20 -13.26
N LYS A 110 -15.02 -4.39 -13.30
CA LYS A 110 -14.98 -5.31 -14.46
C LYS A 110 -13.55 -5.73 -14.84
N ALA A 111 -12.76 -6.03 -13.81
CA ALA A 111 -11.39 -6.51 -13.99
C ALA A 111 -11.20 -7.83 -13.24
N PRO A 112 -11.80 -8.94 -13.77
CA PRO A 112 -11.85 -10.22 -13.06
C PRO A 112 -10.49 -10.89 -12.83
N LEU A 113 -9.56 -10.69 -13.76
CA LEU A 113 -8.21 -11.27 -13.64
C LEU A 113 -7.41 -10.59 -12.54
N LYS A 114 -7.56 -9.27 -12.43
CA LYS A 114 -6.99 -8.50 -11.31
C LYS A 114 -7.60 -8.93 -9.97
N ALA A 115 -8.92 -9.11 -9.93
CA ALA A 115 -9.62 -9.59 -8.72
C ALA A 115 -9.12 -10.97 -8.30
N LYS A 116 -9.01 -11.87 -9.28
CA LYS A 116 -8.50 -13.23 -9.06
C LYS A 116 -7.12 -13.20 -8.40
N GLU A 117 -6.22 -12.37 -8.94
CA GLU A 117 -4.88 -12.19 -8.37
C GLU A 117 -4.94 -11.74 -6.91
N CYS A 118 -5.88 -10.84 -6.60
CA CYS A 118 -6.08 -10.39 -5.21
C CYS A 118 -6.51 -11.54 -4.32
N PHE A 119 -7.54 -12.27 -4.75
CA PHE A 119 -8.04 -13.35 -3.88
C PHE A 119 -7.04 -14.48 -3.70
N GLU A 120 -6.29 -14.77 -4.79
CA GLU A 120 -5.20 -15.75 -4.74
C GLU A 120 -4.11 -15.35 -3.75
N LEU A 121 -3.75 -14.06 -3.71
CA LEU A 121 -2.73 -13.58 -2.77
C LEU A 121 -3.18 -13.76 -1.32
N VAL A 122 -4.45 -13.50 -1.07
CA VAL A 122 -5.05 -13.74 0.25
C VAL A 122 -4.87 -15.22 0.65
N ILE A 123 -5.21 -16.13 -0.25
N ILE A 123 -5.22 -16.13 -0.26
CA ILE A 123 -5.12 -17.57 0.02
CA ILE A 123 -5.13 -17.58 0.01
C ILE A 123 -3.67 -18.02 0.24
C ILE A 123 -3.67 -18.02 0.23
N GLN A 124 -2.75 -17.43 -0.53
CA GLN A 124 -1.33 -17.82 -0.48
C GLN A 124 -0.59 -17.28 0.75
N HIS A 125 -0.96 -16.07 1.19
CA HIS A 125 -0.22 -15.38 2.23
C HIS A 125 -0.89 -15.21 3.61
N SER A 126 -2.21 -15.08 3.63
CA SER A 126 -2.93 -14.78 4.86
C SER A 126 -2.96 -15.95 5.85
N ASN A 127 -2.87 -15.62 7.13
CA ASN A 127 -3.04 -16.60 8.20
C ASN A 127 -4.44 -16.51 8.82
N ASP A 128 -5.24 -15.60 8.27
CA ASP A 128 -6.61 -15.33 8.71
C ASP A 128 -7.53 -16.34 8.04
N GLU A 129 -7.88 -17.38 8.79
CA GLU A 129 -8.65 -18.49 8.20
C GLU A 129 -10.03 -18.11 7.69
N LYS A 130 -10.71 -17.22 8.42
CA LYS A 130 -12.03 -16.73 8.02
C LYS A 130 -11.97 -15.89 6.75
N LEU A 131 -10.93 -15.05 6.64
CA LEU A 131 -10.72 -14.24 5.44
C LEU A 131 -10.45 -15.12 4.22
N LYS A 132 -9.66 -16.18 4.43
CA LYS A 132 -9.32 -17.12 3.37
C LYS A 132 -10.55 -17.85 2.82
N ILE A 133 -11.48 -18.22 3.70
CA ILE A 133 -12.76 -18.80 3.27
C ILE A 133 -13.55 -17.83 2.38
N LYS A 134 -13.63 -16.57 2.79
CA LYS A 134 -14.29 -15.52 2.02
C LYS A 134 -13.64 -15.32 0.66
N ALA A 135 -12.31 -15.29 0.62
CA ALA A 135 -11.56 -15.15 -0.64
C ALA A 135 -11.80 -16.31 -1.59
N GLN A 136 -11.79 -17.53 -1.03
CA GLN A 136 -12.06 -18.75 -1.83
C GLN A 136 -13.47 -18.77 -2.44
N SER A 137 -14.46 -18.30 -1.67
CA SER A 137 -15.86 -18.23 -2.14
C SER A 137 -15.98 -17.30 -3.37
N TYR A 138 -15.17 -16.24 -3.39
CA TYR A 138 -15.09 -15.37 -4.56
C TYR A 138 -14.36 -16.04 -5.74
N LEU A 139 -13.25 -16.74 -5.46
CA LEU A 139 -12.52 -17.49 -6.50
C LEU A 139 -13.35 -18.56 -7.19
N ASP A 140 -14.18 -19.25 -6.40
CA ASP A 140 -15.15 -20.23 -6.90
C ASP A 140 -16.14 -19.64 -7.91
N ALA A 141 -16.54 -18.38 -7.67
CA ALA A 141 -17.50 -17.67 -8.52
C ALA A 141 -16.91 -17.08 -9.80
N ILE A 142 -15.62 -16.71 -9.78
CA ILE A 142 -14.96 -16.13 -10.96
C ILE A 142 -14.87 -17.17 -12.08
N GLN A 143 -15.33 -16.77 -13.28
CA GLN A 143 -15.45 -17.67 -14.43
C GLN A 143 -14.11 -17.97 -15.12
N GLY B 1 5.77 12.65 2.52
CA GLY B 1 6.33 11.87 1.39
C GLY B 1 5.29 11.40 0.41
N SER B 2 5.68 10.45 -0.43
N SER B 2 5.67 10.44 -0.42
CA SER B 2 4.83 9.93 -1.51
CA SER B 2 4.84 9.94 -1.52
C SER B 2 3.53 9.35 -0.99
C SER B 2 3.55 9.28 -1.03
N ILE B 3 3.61 8.63 0.13
CA ILE B 3 2.41 7.99 0.72
C ILE B 3 1.43 9.04 1.26
N SER B 4 1.96 10.03 1.98
N SER B 4 1.92 10.06 1.97
CA SER B 4 1.17 11.18 2.47
CA SER B 4 1.05 11.11 2.47
C SER B 4 0.38 11.83 1.34
C SER B 4 0.36 11.88 1.34
N THR B 5 1.05 12.10 0.22
CA THR B 5 0.47 12.71 -0.99
C THR B 5 -0.69 11.86 -1.50
N ALA B 6 -0.46 10.54 -1.57
CA ALA B 6 -1.46 9.59 -2.06
C ALA B 6 -2.69 9.60 -1.16
N VAL B 7 -2.47 9.66 0.14
CA VAL B 7 -3.59 9.69 1.09
C VAL B 7 -4.33 11.03 1.06
N ILE B 8 -3.60 12.15 1.07
CA ILE B 8 -4.21 13.48 0.93
C ILE B 8 -5.07 13.59 -0.34
N ASP B 9 -4.53 13.12 -1.47
CA ASP B 9 -5.24 13.04 -2.76
C ASP B 9 -6.56 12.27 -2.64
N ALA B 10 -6.50 11.17 -1.89
CA ALA B 10 -7.63 10.28 -1.70
C ALA B 10 -8.71 10.86 -0.78
N ILE B 11 -8.29 11.55 0.28
CA ILE B 11 -9.19 12.24 1.23
C ILE B 11 -9.95 13.36 0.51
N ASN B 12 -9.22 14.20 -0.21
CA ASN B 12 -9.80 15.39 -0.82
C ASN B 12 -10.73 15.10 -1.98
N SER B 13 -10.50 13.97 -2.67
CA SER B 13 -11.30 13.49 -3.81
C SER B 13 -11.50 14.53 -4.92
N GLY B 14 -10.60 15.50 -4.97
CA GLY B 14 -10.59 16.50 -6.03
C GLY B 14 -9.90 15.92 -7.23
N ALA B 15 -9.94 16.66 -8.34
CA ALA B 15 -9.31 16.24 -9.58
C ALA B 15 -7.80 16.31 -9.44
N THR B 16 -7.16 15.18 -9.73
CA THR B 16 -5.68 15.10 -9.76
C THR B 16 -5.18 15.50 -11.15
N LEU B 17 -3.86 15.60 -11.29
CA LEU B 17 -3.23 15.86 -12.58
C LEU B 17 -3.41 14.67 -13.54
N LYS B 18 -3.39 13.46 -12.99
CA LYS B 18 -3.63 12.22 -13.75
C LYS B 18 -5.07 12.15 -14.29
N ASP B 19 -6.02 12.62 -13.48
CA ASP B 19 -7.45 12.69 -13.85
C ASP B 19 -7.71 13.46 -15.15
N ILE B 20 -6.92 14.50 -15.39
CA ILE B 20 -7.04 15.35 -16.59
C ILE B 20 -5.99 15.04 -17.67
N ASN B 21 -5.27 13.92 -17.49
CA ASN B 21 -4.17 13.50 -18.40
C ASN B 21 -3.22 14.67 -18.74
N ALA B 22 -2.68 15.29 -17.69
CA ALA B 22 -1.84 16.48 -17.79
C ALA B 22 -0.46 16.20 -18.39
N ILE B 23 0.04 14.98 -18.17
CA ILE B 23 1.33 14.56 -18.73
C ILE B 23 1.16 13.25 -19.54
N PRO B 24 1.49 13.31 -20.85
CA PRO B 24 1.36 12.12 -21.72
C PRO B 24 2.27 10.98 -21.26
N ASP B 25 1.86 9.75 -21.56
CA ASP B 25 2.64 8.54 -21.25
C ASP B 25 4.10 8.58 -21.72
N ASP B 26 4.33 9.07 -22.94
CA ASP B 26 5.68 9.15 -23.51
C ASP B 26 6.59 10.12 -22.75
N MET B 27 6.01 11.21 -22.24
CA MET B 27 6.72 12.20 -21.43
C MET B 27 7.07 11.61 -20.07
N MET B 28 6.12 10.88 -19.49
CA MET B 28 6.36 10.14 -18.24
C MET B 28 7.49 9.12 -18.38
N ASP B 29 7.52 8.41 -19.51
CA ASP B 29 8.62 7.49 -19.83
C ASP B 29 9.96 8.22 -19.90
N ASP B 30 9.96 9.39 -20.53
CA ASP B 30 11.18 10.21 -20.64
C ASP B 30 11.68 10.63 -19.25
N ILE B 31 10.78 11.18 -18.43
CA ILE B 31 11.13 11.59 -17.06
C ILE B 31 11.69 10.42 -16.22
N TYR B 32 11.07 9.25 -16.34
CA TYR B 32 11.56 8.02 -15.71
C TYR B 32 12.98 7.66 -16.15
N SER B 33 13.26 7.77 -17.46
CA SER B 33 14.60 7.51 -18.00
C SER B 33 15.61 8.52 -17.45
N TYR B 34 15.19 9.78 -17.36
CA TYR B 34 16.02 10.85 -16.80
C TYR B 34 16.31 10.62 -15.32
N ALA B 35 15.28 10.17 -14.59
CA ALA B 35 15.43 9.76 -13.19
C ALA B 35 16.52 8.70 -13.02
N TYR B 36 16.48 7.65 -13.85
CA TYR B 36 17.53 6.62 -13.80
C TYR B 36 18.89 7.06 -14.31
N ASP B 37 18.91 8.03 -15.23
CA ASP B 37 20.17 8.62 -15.69
C ASP B 37 20.89 9.28 -14.52
N PHE B 38 20.13 10.07 -13.73
CA PHE B 38 20.66 10.69 -12.53
C PHE B 38 21.12 9.63 -11.55
N TYR B 39 20.27 8.63 -11.32
CA TYR B 39 20.54 7.56 -10.37
C TYR B 39 21.84 6.83 -10.71
N ASN B 40 21.97 6.44 -11.98
CA ASN B 40 23.14 5.70 -12.49
C ASN B 40 24.46 6.48 -12.39
N LYS B 41 24.37 7.80 -12.46
CA LYS B 41 25.55 8.68 -12.31
C LYS B 41 25.79 9.14 -10.85
N GLY B 42 25.05 8.56 -9.92
CA GLY B 42 25.19 8.84 -8.49
C GLY B 42 24.62 10.17 -8.02
N ARG B 43 23.83 10.81 -8.88
N ARG B 43 23.84 10.81 -8.88
CA ARG B 43 23.10 12.03 -8.55
CA ARG B 43 23.14 12.04 -8.54
C ARG B 43 21.77 11.63 -7.89
C ARG B 43 21.80 11.64 -7.89
N ILE B 44 21.90 11.16 -6.65
CA ILE B 44 20.79 10.53 -5.93
C ILE B 44 19.72 11.54 -5.54
N GLU B 45 20.14 12.73 -5.11
CA GLU B 45 19.21 13.78 -4.70
C GLU B 45 18.29 14.21 -5.84
N GLU B 46 18.85 14.34 -7.04
CA GLU B 46 18.09 14.70 -8.25
C GLU B 46 17.22 13.53 -8.69
N ALA B 47 17.75 12.31 -8.60
CA ALA B 47 16.95 11.13 -8.90
C ALA B 47 15.75 11.04 -7.96
N GLU B 48 15.99 11.37 -6.69
CA GLU B 48 14.93 11.34 -5.69
C GLU B 48 13.84 12.34 -6.02
N VAL B 49 14.22 13.55 -6.40
CA VAL B 49 13.24 14.57 -6.82
C VAL B 49 12.43 14.05 -8.00
N PHE B 50 13.11 13.47 -8.98
CA PHE B 50 12.43 12.97 -10.19
C PHE B 50 11.47 11.80 -9.90
N PHE B 51 11.89 10.88 -9.04
CA PHE B 51 11.01 9.77 -8.65
C PHE B 51 9.84 10.29 -7.78
N ARG B 52 10.09 11.29 -6.94
CA ARG B 52 9.00 11.91 -6.16
C ARG B 52 7.99 12.60 -7.09
N PHE B 53 8.48 13.28 -8.12
CA PHE B 53 7.66 13.92 -9.14
C PHE B 53 6.76 12.87 -9.80
N LEU B 54 7.38 11.77 -10.26
CA LEU B 54 6.67 10.68 -10.93
C LEU B 54 5.59 10.08 -10.01
N CYS B 55 5.93 9.88 -8.74
CA CYS B 55 5.00 9.31 -7.74
C CYS B 55 3.88 10.27 -7.32
N ILE B 56 4.10 11.58 -7.42
CA ILE B 56 3.02 12.57 -7.26
C ILE B 56 2.03 12.44 -8.41
N TYR B 57 2.56 12.33 -9.64
CA TYR B 57 1.71 12.19 -10.80
C TYR B 57 0.91 10.90 -10.82
N ASP B 58 1.61 9.79 -10.59
CA ASP B 58 1.08 8.44 -10.83
C ASP B 58 1.68 7.55 -9.75
N PHE B 59 1.15 7.68 -8.55
CA PHE B 59 1.64 6.94 -7.38
C PHE B 59 1.53 5.43 -7.56
N TYR B 60 0.50 5.00 -8.28
CA TYR B 60 0.14 3.58 -8.34
C TYR B 60 0.83 2.88 -9.52
N ASN B 61 2.12 3.15 -9.64
CA ASN B 61 2.98 2.63 -10.70
C ASN B 61 4.15 1.90 -10.04
N VAL B 62 4.21 0.59 -10.24
CA VAL B 62 5.20 -0.27 -9.56
C VAL B 62 6.65 0.16 -9.81
N ASP B 63 6.98 0.54 -11.04
CA ASP B 63 8.35 0.89 -11.39
C ASP B 63 8.78 2.23 -10.76
N TYR B 64 7.83 3.16 -10.66
CA TYR B 64 8.11 4.45 -10.01
C TYR B 64 8.34 4.22 -8.53
N ILE B 65 7.47 3.43 -7.92
CA ILE B 65 7.58 3.10 -6.50
C ILE B 65 8.89 2.39 -6.22
N MET B 66 9.25 1.41 -7.06
CA MET B 66 10.48 0.63 -6.88
C MET B 66 11.73 1.50 -6.96
N GLY B 67 11.71 2.49 -7.87
CA GLY B 67 12.81 3.44 -8.01
C GLY B 67 13.04 4.23 -6.74
N LEU B 68 11.93 4.76 -6.20
CA LEU B 68 12.01 5.56 -4.99
C LEU B 68 12.40 4.75 -3.76
N ALA B 69 11.86 3.54 -3.67
CA ALA B 69 12.16 2.63 -2.55
C ALA B 69 13.65 2.29 -2.51
N ALA B 70 14.23 2.07 -3.71
CA ALA B 70 15.65 1.78 -3.85
C ALA B 70 16.48 2.94 -3.28
N ILE B 71 16.07 4.17 -3.58
CA ILE B 71 16.75 5.37 -3.08
C ILE B 71 16.71 5.43 -1.55
N TYR B 72 15.52 5.20 -0.97
CA TYR B 72 15.38 5.29 0.47
C TYR B 72 16.20 4.20 1.17
N GLN B 73 16.23 3.01 0.57
CA GLN B 73 17.03 1.92 1.11
C GLN B 73 18.54 2.23 1.12
N ILE B 74 19.04 2.79 0.01
CA ILE B 74 20.45 3.21 -0.10
C ILE B 74 20.79 4.27 0.96
N LYS B 75 19.82 5.17 1.20
CA LYS B 75 19.99 6.27 2.16
C LYS B 75 19.77 5.83 3.60
N GLU B 76 19.49 4.52 3.79
CA GLU B 76 19.23 3.89 5.11
C GLU B 76 18.00 4.47 5.81
N GLN B 77 17.03 4.87 4.98
CA GLN B 77 15.70 5.26 5.43
C GLN B 77 14.83 4.03 5.28
N PHE B 78 15.06 3.08 6.18
CA PHE B 78 14.55 1.72 6.05
C PHE B 78 13.05 1.57 6.15
N GLN B 79 12.43 2.32 7.08
CA GLN B 79 10.99 2.31 7.22
C GLN B 79 10.31 2.83 5.95
N GLN B 80 10.80 3.97 5.46
CA GLN B 80 10.25 4.57 4.25
C GLN B 80 10.37 3.62 3.05
N ALA B 81 11.53 2.99 2.92
CA ALA B 81 11.77 1.96 1.90
C ALA B 81 10.82 0.78 2.03
N ALA B 82 10.73 0.21 3.24
CA ALA B 82 9.85 -0.94 3.50
C ALA B 82 8.40 -0.65 3.13
N ASP B 83 7.93 0.56 3.47
CA ASP B 83 6.56 0.98 3.16
C ASP B 83 6.30 0.97 1.67
N LEU B 84 7.21 1.59 0.89
CA LEU B 84 7.06 1.62 -0.57
C LEU B 84 7.17 0.24 -1.19
N TYR B 85 8.13 -0.58 -0.74
CA TYR B 85 8.21 -1.97 -1.22
C TYR B 85 6.89 -2.75 -1.05
N ALA B 86 6.21 -2.51 0.08
CA ALA B 86 4.93 -3.15 0.35
C ALA B 86 3.87 -2.68 -0.62
N VAL B 87 3.86 -1.38 -0.96
CA VAL B 87 2.97 -0.85 -2.02
C VAL B 87 3.30 -1.53 -3.35
N ALA B 88 4.60 -1.59 -3.67
CA ALA B 88 5.05 -2.17 -4.93
C ALA B 88 4.61 -3.63 -5.06
N PHE B 89 4.76 -4.40 -3.98
CA PHE B 89 4.31 -5.78 -3.98
C PHE B 89 2.82 -5.90 -4.22
N ALA B 90 2.04 -5.09 -3.50
CA ALA B 90 0.57 -5.10 -3.56
C ALA B 90 0.06 -4.87 -4.99
N LEU B 91 0.68 -3.94 -5.70
CA LEU B 91 0.23 -3.60 -7.05
C LEU B 91 0.74 -4.59 -8.10
N GLY B 92 1.92 -5.15 -7.86
CA GLY B 92 2.54 -6.17 -8.73
C GLY B 92 2.77 -7.46 -7.96
N LYS B 93 1.66 -8.06 -7.53
CA LYS B 93 1.62 -9.25 -6.63
C LYS B 93 2.39 -10.51 -7.02
N ASN B 94 2.99 -10.53 -8.22
CA ASN B 94 3.66 -11.73 -8.74
C ASN B 94 5.18 -11.69 -8.64
N ASP B 95 5.72 -10.55 -8.23
CA ASP B 95 7.14 -10.37 -8.11
C ASP B 95 7.53 -10.27 -6.64
N TYR B 96 8.38 -11.20 -6.19
CA TYR B 96 8.81 -11.26 -4.80
C TYR B 96 10.06 -10.45 -4.47
N THR B 97 10.60 -9.77 -5.47
CA THR B 97 11.74 -8.87 -5.27
C THR B 97 11.44 -7.79 -4.22
N PRO B 98 10.26 -7.10 -4.27
CA PRO B 98 9.98 -6.14 -3.19
C PRO B 98 9.80 -6.79 -1.82
N VAL B 99 9.33 -8.04 -1.77
CA VAL B 99 9.21 -8.77 -0.49
C VAL B 99 10.62 -9.07 0.07
N PHE B 100 11.53 -9.51 -0.80
CA PHE B 100 12.92 -9.71 -0.40
C PHE B 100 13.55 -8.44 0.19
N HIS B 101 13.40 -7.31 -0.51
CA HIS B 101 13.95 -6.05 -0.02
C HIS B 101 13.28 -5.57 1.28
N THR B 102 11.97 -5.82 1.42
CA THR B 102 11.25 -5.55 2.68
C THR B 102 11.91 -6.30 3.84
N GLY B 103 12.24 -7.58 3.61
CA GLY B 103 12.99 -8.38 4.57
C GLY B 103 14.27 -7.74 5.03
N GLN B 104 15.07 -7.24 4.08
CA GLN B 104 16.32 -6.55 4.40
C GLN B 104 16.06 -5.32 5.27
N CYS B 105 15.07 -4.51 4.90
CA CYS B 105 14.68 -3.34 5.67
C CYS B 105 14.26 -3.68 7.09
N GLN B 106 13.44 -4.74 7.22
CA GLN B 106 12.95 -5.17 8.54
C GLN B 106 14.08 -5.60 9.47
N LEU B 107 15.08 -6.31 8.93
CA LEU B 107 16.26 -6.71 9.70
C LEU B 107 17.01 -5.51 10.25
N ARG B 108 17.16 -4.46 9.43
CA ARG B 108 17.83 -3.22 9.84
C ARG B 108 17.01 -2.40 10.85
N LEU B 109 15.69 -2.57 10.79
CA LEU B 109 14.74 -1.94 11.70
C LEU B 109 14.54 -2.73 12.99
N LYS B 110 15.39 -3.76 13.18
CA LYS B 110 15.39 -4.65 14.36
C LYS B 110 14.03 -5.36 14.55
N ALA B 111 13.49 -5.86 13.44
CA ALA B 111 12.29 -6.69 13.45
C ALA B 111 12.55 -8.02 12.74
N PRO B 112 13.35 -8.92 13.38
CA PRO B 112 13.82 -10.15 12.72
C PRO B 112 12.73 -11.16 12.38
N LEU B 113 11.65 -11.21 13.18
CA LEU B 113 10.53 -12.12 12.92
C LEU B 113 9.73 -11.68 11.68
N LYS B 114 9.54 -10.37 11.54
CA LYS B 114 8.93 -9.80 10.33
C LYS B 114 9.80 -10.07 9.09
N ALA B 115 11.11 -9.87 9.22
CA ALA B 115 12.06 -10.17 8.15
C ALA B 115 12.00 -11.64 7.74
N LYS B 116 12.02 -12.53 8.73
CA LYS B 116 11.92 -13.98 8.52
C LYS B 116 10.68 -14.34 7.69
N GLU B 117 9.53 -13.78 8.05
CA GLU B 117 8.29 -13.97 7.31
C GLU B 117 8.42 -13.56 5.85
N CYS B 118 9.12 -12.44 5.61
CA CYS B 118 9.39 -11.97 4.25
C CYS B 118 10.24 -12.97 3.49
N PHE B 119 11.36 -13.40 4.09
CA PHE B 119 12.26 -14.30 3.38
C PHE B 119 11.63 -15.66 3.13
N GLU B 120 10.84 -16.15 4.09
CA GLU B 120 10.09 -17.39 3.97
C GLU B 120 9.08 -17.34 2.82
N LEU B 121 8.40 -16.20 2.65
CA LEU B 121 7.43 -16.04 1.56
C LEU B 121 8.13 -16.12 0.21
N VAL B 122 9.30 -15.50 0.10
CA VAL B 122 10.11 -15.59 -1.11
C VAL B 122 10.43 -17.06 -1.43
N ILE B 123 10.87 -17.81 -0.44
CA ILE B 123 11.25 -19.23 -0.62
C ILE B 123 10.04 -20.08 -1.03
N GLN B 124 8.88 -19.79 -0.44
CA GLN B 124 7.67 -20.58 -0.68
C GLN B 124 7.00 -20.29 -2.03
N HIS B 125 7.03 -19.02 -2.43
CA HIS B 125 6.20 -18.55 -3.56
C HIS B 125 6.93 -18.07 -4.81
N SER B 126 8.15 -17.55 -4.67
CA SER B 126 8.91 -17.06 -5.84
C SER B 126 9.43 -18.21 -6.71
N ASN B 127 9.43 -17.97 -8.02
CA ASN B 127 10.00 -18.90 -8.99
C ASN B 127 11.38 -18.44 -9.43
N ASP B 128 11.83 -17.34 -8.82
CA ASP B 128 13.16 -16.77 -9.07
C ASP B 128 14.17 -17.50 -8.20
N GLU B 129 14.88 -18.47 -8.79
CA GLU B 129 15.77 -19.33 -8.02
C GLU B 129 16.94 -18.59 -7.38
N LYS B 130 17.49 -17.59 -8.07
CA LYS B 130 18.58 -16.75 -7.55
C LYS B 130 18.11 -15.89 -6.36
N LEU B 131 16.90 -15.36 -6.44
CA LEU B 131 16.29 -14.58 -5.35
C LEU B 131 16.08 -15.46 -4.12
N LYS B 132 15.64 -16.69 -4.35
CA LYS B 132 15.43 -17.68 -3.28
C LYS B 132 16.74 -18.01 -2.53
N ILE B 133 17.84 -18.16 -3.26
N ILE B 133 17.84 -18.15 -3.27
CA ILE B 133 19.16 -18.35 -2.64
CA ILE B 133 19.19 -18.30 -2.69
C ILE B 133 19.53 -17.16 -1.74
C ILE B 133 19.53 -17.16 -1.75
N LYS B 134 19.32 -15.93 -2.22
CA LYS B 134 19.58 -14.72 -1.45
C LYS B 134 18.71 -14.67 -0.18
N ALA B 135 17.43 -15.00 -0.31
CA ALA B 135 16.52 -15.06 0.83
C ALA B 135 16.94 -16.09 1.88
N GLN B 136 17.36 -17.27 1.42
CA GLN B 136 17.84 -18.34 2.31
C GLN B 136 19.11 -17.95 3.07
N SER B 137 20.02 -17.23 2.40
CA SER B 137 21.26 -16.76 3.04
C SER B 137 20.97 -15.80 4.21
N TYR B 138 19.91 -15.02 4.08
CA TYR B 138 19.42 -14.18 5.17
C TYR B 138 18.77 -15.00 6.29
N LEU B 139 17.94 -15.99 5.93
CA LEU B 139 17.32 -16.89 6.91
C LEU B 139 18.32 -17.67 7.76
N ASP B 140 19.41 -18.11 7.12
CA ASP B 140 20.54 -18.77 7.78
C ASP B 140 21.19 -17.89 8.86
N ALA B 141 21.25 -16.58 8.60
CA ALA B 141 21.87 -15.60 9.51
C ALA B 141 20.96 -15.20 10.68
N ILE B 142 19.65 -15.37 10.49
CA ILE B 142 18.66 -15.03 11.51
C ILE B 142 17.90 -16.29 11.98
CL CL C . -8.76 -7.91 -15.66
C4 483 D . 4.39 -9.30 4.30
C5 483 D . 5.34 -8.15 4.65
C6 483 D . 5.40 -7.07 3.56
N1 483 D . 2.31 -12.26 7.45
C7 483 D . 3.48 -11.25 5.51
C8 483 D . 3.59 -12.08 6.78
N2 483 D . 0.27 -13.01 7.88
C9 483 D . 1.86 -11.58 8.55
C10 483 D . 0.62 -12.05 8.80
C11 483 D . 1.32 -13.10 7.08
O 483 D . 2.56 -11.43 4.72
N 483 D . 4.45 -10.35 5.31
C3 483 D . 4.69 -9.85 2.92
C2 483 D . 4.73 -8.76 1.86
C1 483 D . 5.74 -7.66 2.20
C 483 D . 5.82 -6.60 1.11
MG MG E . 8.61 -23.28 -5.59
#